data_8CKH
#
_entry.id   8CKH
#
_cell.length_a   65.870
_cell.length_b   76.781
_cell.length_c   98.517
_cell.angle_alpha   90.000
_cell.angle_beta   90.000
_cell.angle_gamma   90.000
#
_symmetry.space_group_name_H-M   'P 21 21 21'
#
loop_
_entity.id
_entity.type
_entity.pdbx_description
1 polymer '4-diphosphocytidyl-2-C-methyl-D-erythritol kinase'
2 non-polymer 'PHOSPHOAMINOPHOSPHONIC ACID-ADENYLATE ESTER'
3 water water
#
_entity_poly.entity_id   1
_entity_poly.type   'polypeptide(L)'
_entity_poly.pdbx_seq_one_letter_code
;HMMTRWPSPAKLNLFLYITGQRADGYHTLQTLFQFLDYGDTLTIEPRTDGQLRLLTPVAGVPDEENLIVRAARLLMHAAS
ESDRLPAGSGADISIDKRLPMGGGLGGGSSNAATVLVALNHLWGCGLSEDELATLGLQLGADVPVFVRGHAAFAEGVGEI
LTPVEPEEKWYLVAHPGVSIPTPIIFRDPELPRNTPRRSINTLLNCEFSNDCELIARKRFREVDAALSWLLEYAPSRLTG
TGACVFAEFNTESAARQVLDTAPAWLNGFVARGVNLSPLKQALL
;
_entity_poly.pdbx_strand_id   A,B
#
loop_
_chem_comp.id
_chem_comp.type
_chem_comp.name
_chem_comp.formula
ANP non-polymer 'PHOSPHOAMINOPHOSPHONIC ACID-ADENYLATE ESTER' 'C10 H17 N6 O12 P3'
#
# COMPACT_ATOMS: atom_id res chain seq x y z
N HIS A 1 -5.88 36.05 7.28
CA HIS A 1 -7.32 36.15 6.96
C HIS A 1 -8.18 35.51 8.04
N MET A 2 -9.39 35.12 7.67
CA MET A 2 -10.29 34.44 8.59
C MET A 2 -9.56 33.29 9.28
N MET A 3 -9.95 33.04 10.53
CA MET A 3 -9.44 31.93 11.31
C MET A 3 -10.52 30.86 11.36
N THR A 4 -10.26 29.71 10.73
CA THR A 4 -11.22 28.63 10.67
C THR A 4 -10.75 27.49 11.58
N ARG A 5 -11.71 26.81 12.22
CA ARG A 5 -11.45 25.76 13.18
C ARG A 5 -12.00 24.45 12.67
N TRP A 6 -11.18 23.39 12.74
CA TRP A 6 -11.54 22.15 12.06
C TRP A 6 -11.24 20.95 12.94
N PRO A 7 -12.22 20.05 13.12
CA PRO A 7 -12.00 18.88 13.97
C PRO A 7 -11.12 17.85 13.28
N SER A 8 -10.31 17.15 14.09
CA SER A 8 -9.50 16.03 13.61
C SER A 8 -9.67 14.89 14.62
N PRO A 9 -10.70 14.07 14.47
CA PRO A 9 -11.00 13.06 15.48
C PRO A 9 -10.03 11.89 15.44
N ALA A 10 -9.96 11.20 16.58
CA ALA A 10 -9.24 9.93 16.64
C ALA A 10 -10.10 8.81 16.06
N LYS A 11 -9.47 7.68 15.78
CA LYS A 11 -10.18 6.45 15.49
C LYS A 11 -9.73 5.33 16.42
N LEU A 12 -10.55 4.28 16.45
CA LEU A 12 -10.19 2.98 16.99
C LEU A 12 -10.37 1.94 15.90
N ASN A 13 -9.45 0.97 15.84
CA ASN A 13 -9.70 -0.26 15.10
C ASN A 13 -10.46 -1.19 16.04
N LEU A 14 -11.78 -1.33 15.80
CA LEU A 14 -12.57 -2.23 16.62
C LEU A 14 -12.14 -3.68 16.43
N PHE A 15 -11.71 -4.04 15.21
CA PHE A 15 -10.93 -5.25 14.98
C PHE A 15 -9.91 -4.96 13.89
N LEU A 16 -8.91 -5.83 13.79
CA LEU A 16 -7.85 -5.61 12.81
C LEU A 16 -7.24 -6.96 12.46
N TYR A 17 -7.37 -7.40 11.21
CA TYR A 17 -6.89 -8.71 10.80
C TYR A 17 -5.93 -8.57 9.63
N ILE A 18 -4.84 -9.34 9.66
CA ILE A 18 -3.82 -9.29 8.63
C ILE A 18 -3.99 -10.55 7.77
N THR A 19 -4.45 -10.36 6.53
CA THR A 19 -4.80 -11.47 5.68
C THR A 19 -3.66 -11.91 4.76
N GLY A 20 -2.58 -11.15 4.66
CA GLY A 20 -1.51 -11.53 3.76
C GLY A 20 -0.48 -10.44 3.66
N GLN A 21 0.60 -10.77 2.93
CA GLN A 21 1.66 -9.81 2.71
C GLN A 21 2.14 -9.93 1.28
N ARG A 22 2.26 -8.80 0.60
CA ARG A 22 2.77 -8.81 -0.77
C ARG A 22 4.28 -8.95 -0.77
N ALA A 23 4.82 -9.23 -1.96
CA ALA A 23 6.27 -9.34 -2.10
C ALA A 23 6.99 -8.04 -1.75
N ASP A 24 6.33 -6.89 -1.92
CA ASP A 24 6.99 -5.65 -1.55
C ASP A 24 6.90 -5.37 -0.05
N GLY A 25 6.27 -6.26 0.72
CA GLY A 25 6.17 -6.12 2.15
C GLY A 25 4.88 -5.52 2.66
N TYR A 26 4.03 -5.01 1.78
CA TYR A 26 2.77 -4.43 2.23
C TYR A 26 1.80 -5.49 2.71
N HIS A 27 1.16 -5.24 3.86
CA HIS A 27 0.21 -6.15 4.48
C HIS A 27 -1.22 -5.77 4.08
N THR A 28 -1.98 -6.74 3.57
CA THR A 28 -3.40 -6.52 3.34
C THR A 28 -4.16 -6.73 4.66
N LEU A 29 -5.08 -5.83 4.96
CA LEU A 29 -5.77 -5.80 6.24
C LEU A 29 -7.28 -5.86 6.03
N GLN A 30 -7.98 -6.40 7.02
CA GLN A 30 -9.43 -6.27 7.15
C GLN A 30 -9.69 -5.66 8.51
N THR A 31 -10.24 -4.47 8.53
CA THR A 31 -10.34 -3.74 9.79
C THR A 31 -11.59 -2.90 9.81
N LEU A 32 -12.09 -2.64 11.02
CA LEU A 32 -13.32 -1.90 11.22
C LEU A 32 -12.97 -0.66 12.03
N PHE A 33 -13.32 0.52 11.51
CA PHE A 33 -12.99 1.80 12.14
C PHE A 33 -14.23 2.42 12.75
N GLN A 34 -14.07 3.00 13.94
CA GLN A 34 -15.05 3.90 14.49
C GLN A 34 -14.33 5.15 14.97
N PHE A 35 -14.97 6.31 14.81
CA PHE A 35 -14.36 7.52 15.31
C PHE A 35 -14.63 7.68 16.80
N LEU A 36 -13.82 8.52 17.43
CA LEU A 36 -14.08 8.97 18.80
C LEU A 36 -14.48 10.44 18.77
N ASP A 37 -15.39 10.81 19.66
CA ASP A 37 -15.70 12.23 19.86
C ASP A 37 -14.61 12.85 20.72
N TYR A 38 -13.43 12.98 20.10
CA TYR A 38 -12.20 13.32 20.81
C TYR A 38 -11.07 13.44 19.80
N GLY A 39 -10.18 14.41 19.95
CA GLY A 39 -9.03 14.47 19.06
C GLY A 39 -8.47 15.88 19.00
N ASP A 40 -7.81 16.16 17.87
CA ASP A 40 -7.11 17.41 17.63
C ASP A 40 -8.04 18.46 17.05
N THR A 41 -7.65 19.73 17.19
CA THR A 41 -8.35 20.85 16.59
C THR A 41 -7.36 21.67 15.80
N LEU A 42 -7.64 21.88 14.52
CA LEU A 42 -6.75 22.63 13.63
C LEU A 42 -7.35 23.99 13.34
N THR A 43 -6.49 25.01 13.38
CA THR A 43 -6.86 26.37 13.02
C THR A 43 -6.18 26.69 11.71
N ILE A 44 -6.96 27.05 10.71
CA ILE A 44 -6.46 27.25 9.36
C ILE A 44 -6.86 28.65 8.93
N GLU A 45 -5.86 29.51 8.67
CA GLU A 45 -6.13 30.84 8.15
C GLU A 45 -5.59 30.90 6.73
N PRO A 46 -6.44 31.08 5.72
CA PRO A 46 -5.95 31.06 4.34
C PRO A 46 -5.14 32.31 4.03
N ARG A 47 -4.26 32.18 3.04
CA ARG A 47 -3.39 33.26 2.61
C ARG A 47 -3.46 33.43 1.09
N THR A 48 -3.03 34.60 0.62
CA THR A 48 -2.99 34.92 -0.80
C THR A 48 -1.58 35.17 -1.32
N ASP A 49 -0.55 34.98 -0.49
CA ASP A 49 0.84 35.17 -0.90
C ASP A 49 1.55 33.84 -1.15
N GLY A 50 0.80 32.74 -1.27
CA GLY A 50 1.37 31.46 -1.63
C GLY A 50 2.19 30.76 -0.57
N GLN A 51 2.30 31.33 0.63
CA GLN A 51 3.08 30.72 1.69
C GLN A 51 2.26 29.70 2.45
N LEU A 52 2.92 28.63 2.88
CA LEU A 52 2.33 27.60 3.71
C LEU A 52 3.17 27.44 4.97
N ARG A 53 2.62 27.84 6.11
CA ARG A 53 3.35 27.87 7.36
C ARG A 53 2.65 27.04 8.43
N LEU A 54 3.42 26.18 9.09
CA LEU A 54 2.97 25.49 10.29
C LEU A 54 3.35 26.34 11.50
N LEU A 55 2.35 26.95 12.14
CA LEU A 55 2.63 27.86 13.25
C LEU A 55 2.90 27.13 14.55
N THR A 56 2.58 25.85 14.65
CA THR A 56 2.77 25.07 15.87
C THR A 56 3.46 23.77 15.50
N PRO A 57 4.78 23.80 15.33
CA PRO A 57 5.51 22.56 15.04
C PRO A 57 5.27 21.53 16.13
N VAL A 58 5.18 20.27 15.70
CA VAL A 58 4.92 19.14 16.59
C VAL A 58 6.25 18.53 16.98
N ALA A 59 6.59 18.60 18.26
CA ALA A 59 7.86 18.08 18.73
C ALA A 59 8.03 16.62 18.33
N GLY A 60 9.21 16.29 17.81
CA GLY A 60 9.48 14.97 17.28
C GLY A 60 9.19 14.81 15.81
N VAL A 61 8.85 15.89 15.11
CA VAL A 61 8.52 15.84 13.67
C VAL A 61 8.99 17.14 13.02
N PRO A 62 10.07 17.11 12.23
CA PRO A 62 10.43 18.29 11.42
C PRO A 62 9.22 18.86 10.68
N ASP A 63 9.29 20.12 10.28
CA ASP A 63 8.11 20.78 9.71
C ASP A 63 7.67 20.11 8.41
N GLU A 64 8.57 20.06 7.41
CA GLU A 64 8.21 19.49 6.12
C GLU A 64 7.87 18.00 6.20
N GLU A 65 8.12 17.36 7.34
CA GLU A 65 7.74 15.97 7.54
C GLU A 65 6.37 15.83 8.19
N ASN A 66 5.82 16.91 8.73
CA ASN A 66 4.49 16.86 9.31
C ASN A 66 3.46 16.52 8.26
N LEU A 67 2.58 15.57 8.58
CA LEU A 67 1.49 15.21 7.68
C LEU A 67 0.58 16.39 7.39
N ILE A 68 0.53 17.37 8.29
CA ILE A 68 -0.20 18.59 7.98
C ILE A 68 0.38 19.25 6.74
N VAL A 69 1.70 19.41 6.72
CA VAL A 69 2.36 20.11 5.61
C VAL A 69 2.40 19.24 4.38
N ARG A 70 2.66 17.94 4.55
CA ARG A 70 2.66 17.05 3.40
C ARG A 70 1.29 17.04 2.72
N ALA A 71 0.22 17.03 3.52
CA ALA A 71 -1.12 17.02 2.94
C ALA A 71 -1.39 18.30 2.15
N ALA A 72 -1.07 19.45 2.72
CA ALA A 72 -1.24 20.71 2.01
C ALA A 72 -0.46 20.72 0.70
N ARG A 73 0.80 20.28 0.75
CA ARG A 73 1.64 20.29 -0.44
C ARG A 73 1.11 19.36 -1.52
N LEU A 74 0.59 18.19 -1.11
CA LEU A 74 0.06 17.26 -2.10
C LEU A 74 -1.21 17.82 -2.75
N LEU A 75 -2.10 18.42 -1.97
CA LEU A 75 -3.28 19.05 -2.55
C LEU A 75 -2.88 20.17 -3.51
N MET A 76 -1.88 20.97 -3.12
CA MET A 76 -1.44 22.05 -3.99
C MET A 76 -0.95 21.49 -5.32
N HIS A 77 -0.20 20.38 -5.26
CA HIS A 77 0.34 19.78 -6.46
C HIS A 77 -0.78 19.24 -7.35
N ALA A 78 -1.69 18.46 -6.77
CA ALA A 78 -2.76 17.84 -7.55
C ALA A 78 -3.71 18.89 -8.12
N ALA A 79 -4.07 19.89 -7.32
CA ALA A 79 -4.97 20.94 -7.81
C ALA A 79 -4.30 21.77 -8.89
N SER A 80 -3.02 22.10 -8.70
CA SER A 80 -2.32 22.89 -9.69
C SER A 80 -2.22 22.15 -11.02
N GLU A 81 -1.90 20.86 -10.96
CA GLU A 81 -1.76 20.07 -12.18
C GLU A 81 -3.08 19.92 -12.95
N SER A 82 -4.23 20.13 -12.29
CA SER A 82 -5.52 20.07 -12.95
C SER A 82 -6.18 21.45 -13.07
N ASP A 83 -5.39 22.52 -12.93
CA ASP A 83 -5.86 23.90 -13.11
C ASP A 83 -6.99 24.25 -12.15
N ARG A 84 -6.83 23.83 -10.89
CA ARG A 84 -7.84 24.08 -9.88
C ARG A 84 -7.24 24.73 -8.63
N LEU A 85 -6.02 25.27 -8.73
CA LEU A 85 -5.42 25.97 -7.59
C LEU A 85 -5.21 27.44 -7.94
N PRO A 86 -5.94 28.36 -7.30
CA PRO A 86 -5.70 29.78 -7.55
C PRO A 86 -4.29 30.21 -7.19
N ALA A 87 -3.74 31.12 -7.99
CA ALA A 87 -2.41 31.65 -7.71
C ALA A 87 -2.38 32.31 -6.34
N GLY A 88 -1.28 32.10 -5.62
CA GLY A 88 -1.14 32.68 -4.30
C GLY A 88 -1.86 31.93 -3.19
N SER A 89 -2.50 30.80 -3.49
CA SER A 89 -3.16 30.02 -2.45
C SER A 89 -2.15 29.64 -1.37
N GLY A 90 -2.45 29.99 -0.13
CA GLY A 90 -1.58 29.64 0.99
C GLY A 90 -2.41 29.41 2.24
N ALA A 91 -1.72 29.11 3.34
CA ALA A 91 -2.41 28.89 4.60
C ALA A 91 -1.43 28.97 5.76
N ASP A 92 -1.89 29.54 6.87
CA ASP A 92 -1.23 29.40 8.16
C ASP A 92 -2.02 28.37 8.96
N ILE A 93 -1.34 27.36 9.49
CA ILE A 93 -2.00 26.26 10.18
C ILE A 93 -1.40 26.08 11.57
N SER A 94 -2.26 26.07 12.59
CA SER A 94 -1.86 25.67 13.93
C SER A 94 -2.78 24.54 14.40
N ILE A 95 -2.28 23.75 15.34
CA ILE A 95 -3.02 22.57 15.81
C ILE A 95 -2.98 22.54 17.33
N ASP A 96 -4.13 22.24 17.94
CA ASP A 96 -4.20 21.85 19.36
C ASP A 96 -4.10 20.33 19.34
N LYS A 97 -2.92 19.81 19.69
CA LYS A 97 -2.61 18.40 19.47
C LYS A 97 -2.85 17.60 20.74
N ARG A 98 -3.87 16.74 20.72
CA ARG A 98 -4.16 15.81 21.80
C ARG A 98 -3.74 14.38 21.49
N LEU A 99 -3.76 13.98 20.24
CA LEU A 99 -3.51 12.58 19.92
C LEU A 99 -2.02 12.32 19.86
N PRO A 100 -1.52 11.26 20.49
CA PRO A 100 -0.07 11.02 20.54
C PRO A 100 0.46 10.45 19.23
N MET A 101 1.77 10.62 19.06
CA MET A 101 2.48 9.98 17.96
C MET A 101 2.63 8.50 18.24
N GLY A 102 2.47 7.68 17.21
CA GLY A 102 2.62 6.25 17.40
C GLY A 102 1.63 5.68 18.40
N GLY A 103 0.40 6.18 18.40
CA GLY A 103 -0.55 5.77 19.42
C GLY A 103 -1.55 4.73 18.94
N GLY A 104 -1.70 4.58 17.62
CA GLY A 104 -2.75 3.74 17.10
C GLY A 104 -4.12 4.40 17.05
N LEU A 105 -4.19 5.70 17.33
CA LEU A 105 -5.43 6.45 17.22
C LEU A 105 -5.57 7.17 15.90
N GLY A 106 -4.57 7.07 15.01
CA GLY A 106 -4.68 7.65 13.68
C GLY A 106 -4.55 9.16 13.65
N GLY A 107 -3.86 9.75 14.63
CA GLY A 107 -3.79 11.20 14.70
C GLY A 107 -3.18 11.83 13.47
N GLY A 108 -2.10 11.24 12.96
CA GLY A 108 -1.48 11.80 11.78
C GLY A 108 -2.38 11.75 10.56
N SER A 109 -2.96 10.58 10.32
CA SER A 109 -3.87 10.43 9.18
C SER A 109 -5.09 11.34 9.35
N SER A 110 -5.58 11.48 10.57
CA SER A 110 -6.74 12.36 10.77
C SER A 110 -6.37 13.81 10.46
N ASN A 111 -5.20 14.25 10.93
CA ASN A 111 -4.73 15.61 10.61
C ASN A 111 -4.66 15.80 9.10
N ALA A 112 -4.08 14.83 8.38
CA ALA A 112 -3.97 14.93 6.93
C ALA A 112 -5.34 15.06 6.31
N ALA A 113 -6.28 14.21 6.73
CA ALA A 113 -7.63 14.25 6.18
C ALA A 113 -8.27 15.61 6.38
N THR A 114 -8.19 16.15 7.61
CA THR A 114 -8.80 17.44 7.88
C THR A 114 -8.17 18.55 7.03
N VAL A 115 -6.84 18.52 6.89
CA VAL A 115 -6.18 19.53 6.07
C VAL A 115 -6.62 19.44 4.62
N LEU A 116 -6.68 18.22 4.07
CA LEU A 116 -7.15 18.06 2.70
C LEU A 116 -8.56 18.63 2.52
N VAL A 117 -9.47 18.24 3.41
CA VAL A 117 -10.85 18.67 3.30
C VAL A 117 -10.97 20.18 3.54
N ALA A 118 -10.26 20.70 4.54
CA ALA A 118 -10.38 22.12 4.87
C ALA A 118 -9.79 22.99 3.77
N LEU A 119 -8.60 22.65 3.28
CA LEU A 119 -7.98 23.50 2.26
C LEU A 119 -8.69 23.38 0.92
N ASN A 120 -9.21 22.19 0.59
CA ASN A 120 -10.00 22.06 -0.63
C ASN A 120 -11.23 22.95 -0.57
N HIS A 121 -11.89 23.00 0.60
CA HIS A 121 -13.04 23.88 0.78
C HIS A 121 -12.62 25.35 0.73
N LEU A 122 -11.59 25.72 1.49
CA LEU A 122 -11.24 27.13 1.61
C LEU A 122 -10.67 27.67 0.30
N TRP A 123 -9.77 26.94 -0.34
CA TRP A 123 -9.19 27.40 -1.59
C TRP A 123 -10.15 27.26 -2.76
N GLY A 124 -11.23 26.51 -2.61
CA GLY A 124 -12.21 26.36 -3.67
C GLY A 124 -11.77 25.47 -4.82
N CYS A 125 -10.90 24.50 -4.56
CA CYS A 125 -10.31 23.69 -5.62
C CYS A 125 -11.35 22.83 -6.33
N GLY A 126 -12.41 22.43 -5.63
CA GLY A 126 -13.45 21.63 -6.25
C GLY A 126 -13.11 20.17 -6.46
N LEU A 127 -12.19 19.63 -5.66
CA LEU A 127 -11.89 18.21 -5.73
C LEU A 127 -13.01 17.45 -5.02
N SER A 128 -13.40 16.33 -5.60
CA SER A 128 -14.45 15.52 -5.00
C SER A 128 -13.91 14.72 -3.83
N GLU A 129 -14.83 14.19 -3.02
CA GLU A 129 -14.45 13.29 -1.94
C GLU A 129 -13.61 12.13 -2.48
N ASP A 130 -14.03 11.54 -3.60
CA ASP A 130 -13.24 10.48 -4.22
C ASP A 130 -11.81 10.95 -4.50
N GLU A 131 -11.66 12.16 -5.01
CA GLU A 131 -10.33 12.61 -5.39
C GLU A 131 -9.48 12.85 -4.15
N LEU A 132 -10.09 13.39 -3.09
CA LEU A 132 -9.35 13.62 -1.86
C LEU A 132 -8.96 12.32 -1.18
N ALA A 133 -9.83 11.31 -1.25
CA ALA A 133 -9.50 10.01 -0.69
C ALA A 133 -8.36 9.34 -1.45
N THR A 134 -8.32 9.53 -2.77
CA THR A 134 -7.20 9.00 -3.55
C THR A 134 -5.90 9.69 -3.17
N LEU A 135 -5.92 11.01 -3.01
CA LEU A 135 -4.74 11.71 -2.51
C LEU A 135 -4.38 11.25 -1.11
N GLY A 136 -5.38 11.12 -0.24
CA GLY A 136 -5.11 10.79 1.14
C GLY A 136 -4.42 9.45 1.30
N LEU A 137 -4.79 8.46 0.46
CA LEU A 137 -4.17 7.15 0.55
C LEU A 137 -2.66 7.23 0.31
N GLN A 138 -2.21 8.22 -0.44
CA GLN A 138 -0.77 8.39 -0.65
C GLN A 138 -0.09 8.94 0.58
N LEU A 139 -0.83 9.57 1.49
CA LEU A 139 -0.26 10.20 2.66
C LEU A 139 -0.26 9.29 3.89
N GLY A 140 -1.33 8.54 4.09
CA GLY A 140 -1.44 7.65 5.23
C GLY A 140 -2.47 6.58 4.99
N ALA A 141 -2.26 5.43 5.64
CA ALA A 141 -3.09 4.27 5.35
C ALA A 141 -4.56 4.53 5.63
N ASP A 142 -4.86 5.28 6.69
CA ASP A 142 -6.23 5.53 7.13
C ASP A 142 -6.78 6.91 6.77
N VAL A 143 -6.06 7.72 5.99
CA VAL A 143 -6.60 9.01 5.57
C VAL A 143 -7.96 8.86 4.88
N PRO A 144 -8.16 7.86 4.02
CA PRO A 144 -9.47 7.78 3.33
C PRO A 144 -10.66 7.63 4.28
N VAL A 145 -10.53 6.85 5.37
CA VAL A 145 -11.63 6.72 6.32
C VAL A 145 -12.02 8.09 6.88
N PHE A 146 -11.02 8.88 7.26
CA PHE A 146 -11.31 10.20 7.83
C PHE A 146 -11.89 11.13 6.78
N VAL A 147 -11.43 11.02 5.53
CA VAL A 147 -11.95 11.91 4.48
C VAL A 147 -13.42 11.63 4.24
N ARG A 148 -13.77 10.35 4.11
CA ARG A 148 -15.15 9.99 3.78
C ARG A 148 -16.08 10.18 4.98
N GLY A 149 -15.56 10.05 6.20
CA GLY A 149 -16.26 10.51 7.38
C GLY A 149 -17.30 9.59 7.99
N HIS A 150 -17.26 8.29 7.67
CA HIS A 150 -18.23 7.34 8.20
C HIS A 150 -17.49 6.16 8.81
N ALA A 151 -17.97 5.64 9.94
CA ALA A 151 -17.49 4.36 10.45
C ALA A 151 -17.54 3.35 9.31
N ALA A 152 -16.50 2.54 9.18
CA ALA A 152 -16.38 1.80 7.92
C ALA A 152 -15.54 0.55 8.09
N PHE A 153 -15.84 -0.45 7.26
CA PHE A 153 -15.01 -1.62 7.10
C PHE A 153 -14.06 -1.36 5.94
N ALA A 154 -12.77 -1.61 6.16
CA ALA A 154 -11.72 -1.27 5.21
C ALA A 154 -10.99 -2.54 4.80
N GLU A 155 -10.91 -2.79 3.50
CA GLU A 155 -10.12 -3.91 2.98
C GLU A 155 -9.45 -3.45 1.68
N GLY A 156 -9.04 -4.41 0.86
CA GLY A 156 -8.24 -4.06 -0.31
C GLY A 156 -6.86 -3.63 0.14
N VAL A 157 -6.42 -2.48 -0.35
CA VAL A 157 -5.18 -1.90 0.15
C VAL A 157 -5.55 -0.66 0.94
N GLY A 158 -6.74 -0.66 1.53
CA GLY A 158 -7.24 0.46 2.31
C GLY A 158 -8.16 1.40 1.57
N GLU A 159 -8.42 1.16 0.28
CA GLU A 159 -9.26 2.05 -0.51
C GLU A 159 -10.70 1.56 -0.62
N ILE A 160 -10.96 0.30 -0.31
CA ILE A 160 -12.31 -0.26 -0.35
C ILE A 160 -12.93 -0.07 1.02
N LEU A 161 -13.85 0.87 1.13
CA LEU A 161 -14.50 1.21 2.38
C LEU A 161 -16.00 0.98 2.27
N THR A 162 -16.56 0.25 3.22
CA THR A 162 -18.00 0.02 3.27
C THR A 162 -18.53 0.53 4.59
N PRO A 163 -19.56 1.37 4.58
CA PRO A 163 -20.07 1.91 5.85
C PRO A 163 -20.69 0.81 6.71
N VAL A 164 -20.43 0.91 8.02
CA VAL A 164 -20.92 -0.02 9.03
C VAL A 164 -21.43 0.84 10.18
N GLU A 165 -22.35 0.29 10.96
CA GLU A 165 -22.98 1.04 12.06
C GLU A 165 -22.73 0.31 13.38
N PRO A 166 -21.48 0.31 13.86
CA PRO A 166 -21.19 -0.30 15.17
C PRO A 166 -21.79 0.50 16.30
N GLU A 167 -22.08 -0.18 17.40
CA GLU A 167 -22.67 0.48 18.55
C GLU A 167 -21.80 1.64 19.00
N GLU A 168 -22.42 2.79 19.21
CA GLU A 168 -21.69 3.99 19.66
C GLU A 168 -21.50 3.87 21.17
N LYS A 169 -20.53 3.04 21.54
CA LYS A 169 -20.23 2.75 22.93
C LYS A 169 -19.36 3.86 23.53
N TRP A 170 -19.16 3.77 24.83
CA TRP A 170 -18.20 4.62 25.53
C TRP A 170 -16.89 3.86 25.71
N TYR A 171 -15.78 4.54 25.44
CA TYR A 171 -14.48 3.90 25.48
C TYR A 171 -13.56 4.60 26.47
N LEU A 172 -12.82 3.81 27.22
CA LEU A 172 -11.69 4.28 27.98
C LEU A 172 -10.45 3.94 27.16
N VAL A 173 -9.69 4.97 26.78
CA VAL A 173 -8.49 4.80 25.98
C VAL A 173 -7.28 5.13 26.86
N ALA A 174 -6.34 4.19 26.93
CA ALA A 174 -5.14 4.36 27.76
C ALA A 174 -3.93 4.46 26.85
N HIS A 175 -2.98 5.32 27.23
CA HIS A 175 -1.70 5.33 26.57
C HIS A 175 -0.70 4.69 27.52
N PRO A 176 -0.16 3.50 27.20
CA PRO A 176 0.66 2.79 28.18
C PRO A 176 2.02 3.41 28.44
N GLY A 177 2.38 4.51 27.77
CA GLY A 177 3.59 5.25 28.05
C GLY A 177 4.63 5.20 26.94
N VAL A 178 4.61 4.17 26.12
CA VAL A 178 5.61 3.99 25.07
C VAL A 178 5.00 4.33 23.72
N SER A 179 5.84 4.72 22.78
CA SER A 179 5.43 4.91 21.39
C SER A 179 5.89 3.73 20.57
N ILE A 180 4.99 3.16 19.79
CA ILE A 180 5.27 2.02 18.93
C ILE A 180 4.95 2.41 17.50
N PRO A 181 5.95 2.82 16.73
CA PRO A 181 5.69 3.11 15.31
C PRO A 181 5.32 1.85 14.57
N THR A 182 4.35 1.96 13.67
CA THR A 182 3.82 0.79 13.00
C THR A 182 4.90 -0.10 12.41
N PRO A 183 5.96 0.42 11.77
CA PRO A 183 6.96 -0.49 11.19
C PRO A 183 7.60 -1.42 12.20
N ILE A 184 7.66 -1.05 13.48
CA ILE A 184 8.25 -1.91 14.48
C ILE A 184 7.44 -3.20 14.62
N ILE A 185 6.13 -3.10 14.48
CA ILE A 185 5.24 -4.27 14.58
C ILE A 185 5.15 -5.00 13.25
N PHE A 186 4.99 -4.26 12.14
CA PHE A 186 4.79 -4.88 10.85
C PHE A 186 6.03 -5.60 10.34
N ARG A 187 7.21 -5.27 10.86
CA ARG A 187 8.42 -5.98 10.47
C ARG A 187 8.69 -7.20 11.35
N ASP A 188 7.88 -7.43 12.38
CA ASP A 188 8.12 -8.54 13.30
C ASP A 188 7.89 -9.87 12.59
N PRO A 189 8.84 -10.81 12.64
CA PRO A 189 8.63 -12.10 11.96
C PRO A 189 7.52 -12.93 12.59
N GLU A 190 7.16 -12.68 13.86
CA GLU A 190 6.11 -13.45 14.53
C GLU A 190 4.72 -12.84 14.36
N LEU A 191 4.60 -11.75 13.63
CA LEU A 191 3.30 -11.18 13.37
C LEU A 191 2.45 -12.17 12.58
N PRO A 192 1.16 -12.33 12.93
CA PRO A 192 0.28 -13.16 12.09
C PRO A 192 0.05 -12.50 10.74
N ARG A 193 0.18 -13.29 9.67
CA ARG A 193 0.00 -12.76 8.33
C ARG A 193 -0.88 -13.66 7.46
N ASN A 194 -1.66 -14.56 8.06
CA ASN A 194 -2.42 -15.51 7.26
C ASN A 194 -3.83 -15.69 7.79
N THR A 195 -4.39 -14.66 8.42
CA THR A 195 -5.77 -14.73 8.87
C THR A 195 -6.69 -14.81 7.65
N PRO A 196 -7.64 -15.75 7.61
CA PRO A 196 -8.47 -15.90 6.41
C PRO A 196 -9.29 -14.66 6.09
N ARG A 197 -9.34 -14.32 4.80
CA ARG A 197 -10.26 -13.30 4.32
C ARG A 197 -11.68 -13.71 4.65
N ARG A 198 -12.46 -12.78 5.18
CA ARG A 198 -13.83 -13.05 5.57
C ARG A 198 -14.73 -11.95 5.07
N SER A 199 -15.99 -12.30 4.79
CA SER A 199 -16.96 -11.29 4.42
C SER A 199 -17.28 -10.40 5.61
N ILE A 200 -17.94 -9.27 5.34
CA ILE A 200 -18.27 -8.33 6.40
C ILE A 200 -19.25 -8.94 7.40
N ASN A 201 -20.25 -9.67 6.92
CA ASN A 201 -21.18 -10.32 7.85
C ASN A 201 -20.45 -11.30 8.75
N THR A 202 -19.57 -12.12 8.17
CA THR A 202 -18.82 -13.05 8.98
C THR A 202 -17.98 -12.33 10.03
N LEU A 203 -17.35 -11.22 9.64
CA LEU A 203 -16.52 -10.48 10.56
C LEU A 203 -17.35 -9.88 11.69
N LEU A 204 -18.53 -9.35 11.36
CA LEU A 204 -19.39 -8.79 12.40
C LEU A 204 -19.81 -9.84 13.42
N ASN A 205 -19.77 -11.12 13.05
CA ASN A 205 -20.13 -12.22 13.95
C ASN A 205 -18.92 -12.89 14.59
N CYS A 206 -17.70 -12.41 14.33
CA CYS A 206 -16.49 -12.96 14.90
C CYS A 206 -16.24 -12.37 16.27
N GLU A 207 -15.36 -13.02 17.03
CA GLU A 207 -14.86 -12.41 18.27
C GLU A 207 -13.87 -11.32 17.88
N PHE A 208 -14.24 -10.06 18.12
CA PHE A 208 -13.38 -8.96 17.67
C PHE A 208 -12.01 -9.07 18.32
N SER A 209 -10.96 -8.96 17.50
CA SER A 209 -9.60 -8.96 18.02
C SER A 209 -8.69 -8.18 17.08
N ASN A 210 -7.46 -7.99 17.53
CA ASN A 210 -6.43 -7.23 16.81
C ASN A 210 -5.22 -8.12 16.64
N ASP A 211 -4.90 -8.49 15.39
CA ASP A 211 -3.80 -9.41 15.15
C ASP A 211 -2.46 -8.87 15.63
N CYS A 212 -2.33 -7.55 15.83
CA CYS A 212 -1.08 -7.00 16.34
C CYS A 212 -0.91 -7.14 17.85
N GLU A 213 -1.95 -7.55 18.57
CA GLU A 213 -1.95 -7.38 20.02
C GLU A 213 -0.97 -8.32 20.71
N LEU A 214 -0.94 -9.59 20.30
CA LEU A 214 -0.02 -10.52 20.97
C LEU A 214 1.41 -10.04 20.82
N ILE A 215 1.78 -9.57 19.62
CA ILE A 215 3.13 -9.08 19.39
C ILE A 215 3.43 -7.86 20.27
N ALA A 216 2.53 -6.87 20.25
CA ALA A 216 2.77 -5.66 21.06
C ALA A 216 2.84 -6.00 22.54
N ARG A 217 1.97 -6.90 23.01
CA ARG A 217 1.96 -7.32 24.40
C ARG A 217 3.29 -7.94 24.81
N LYS A 218 3.81 -8.83 23.98
CA LYS A 218 5.04 -9.55 24.32
C LYS A 218 6.27 -8.67 24.18
N ARG A 219 6.27 -7.75 23.21
CA ARG A 219 7.45 -6.92 22.98
C ARG A 219 7.52 -5.76 23.95
N PHE A 220 6.37 -5.27 24.43
CA PHE A 220 6.32 -4.06 25.24
C PHE A 220 5.61 -4.32 26.55
N ARG A 221 6.39 -4.32 27.63
CA ARG A 221 5.81 -4.63 28.92
C ARG A 221 4.71 -3.61 29.27
N GLU A 222 4.88 -2.36 28.82
CA GLU A 222 3.91 -1.30 29.09
C GLU A 222 2.53 -1.62 28.51
N VAL A 223 2.49 -2.19 27.30
CA VAL A 223 1.21 -2.56 26.70
C VAL A 223 0.58 -3.71 27.47
N ASP A 224 1.39 -4.73 27.80
CA ASP A 224 0.91 -5.83 28.62
C ASP A 224 0.34 -5.32 29.93
N ALA A 225 1.01 -4.35 30.56
CA ALA A 225 0.53 -3.83 31.83
C ALA A 225 -0.82 -3.14 31.67
N ALA A 226 -0.94 -2.26 30.68
CA ALA A 226 -2.18 -1.53 30.46
C ALA A 226 -3.33 -2.48 30.13
N LEU A 227 -3.08 -3.48 29.29
CA LEU A 227 -4.12 -4.45 28.95
C LEU A 227 -4.51 -5.28 30.15
N SER A 228 -3.53 -5.70 30.95
CA SER A 228 -3.85 -6.48 32.14
C SER A 228 -4.73 -5.70 33.10
N TRP A 229 -4.54 -4.38 33.18
CA TRP A 229 -5.36 -3.56 34.07
C TRP A 229 -6.79 -3.45 33.56
N LEU A 230 -6.98 -3.00 32.32
CA LEU A 230 -8.33 -2.78 31.80
C LEU A 230 -9.14 -4.06 31.75
N LEU A 231 -8.47 -5.19 31.46
CA LEU A 231 -9.19 -6.44 31.29
C LEU A 231 -9.83 -6.93 32.58
N GLU A 232 -9.43 -6.37 33.73
CA GLU A 232 -10.15 -6.60 34.98
C GLU A 232 -11.56 -6.03 34.98
N TYR A 233 -11.91 -5.19 34.00
CA TYR A 233 -13.17 -4.47 34.07
C TYR A 233 -14.04 -4.58 32.82
N ALA A 234 -13.45 -4.76 31.65
CA ALA A 234 -14.23 -4.66 30.42
C ALA A 234 -13.48 -5.35 29.30
N PRO A 235 -14.17 -5.69 28.22
CA PRO A 235 -13.47 -6.13 27.02
C PRO A 235 -12.50 -5.03 26.59
N SER A 236 -11.25 -5.42 26.35
CA SER A 236 -10.18 -4.45 26.09
C SER A 236 -9.26 -5.00 25.02
N ARG A 237 -8.76 -4.12 24.16
CA ARG A 237 -7.94 -4.53 23.04
C ARG A 237 -6.99 -3.41 22.65
N LEU A 238 -5.95 -3.80 21.92
CA LEU A 238 -5.08 -2.85 21.25
C LEU A 238 -5.84 -2.16 20.12
N THR A 239 -5.53 -0.88 19.89
CA THR A 239 -5.94 -0.23 18.65
C THR A 239 -4.73 0.02 17.76
N GLY A 240 -4.96 -0.05 16.45
CA GLY A 240 -3.86 0.07 15.49
C GLY A 240 -2.76 -0.92 15.79
N THR A 241 -1.52 -0.46 15.67
CA THR A 241 -0.37 -1.22 16.13
C THR A 241 0.07 -0.82 17.54
N GLY A 242 -0.83 -0.19 18.31
CA GLY A 242 -0.47 0.31 19.62
C GLY A 242 0.20 1.67 19.51
N ALA A 243 0.66 2.18 20.66
CA ALA A 243 0.65 1.50 21.95
C ALA A 243 -0.69 1.59 22.66
N CYS A 244 -1.62 2.37 22.12
CA CYS A 244 -2.85 2.68 22.84
C CYS A 244 -3.71 1.42 22.94
N VAL A 245 -4.36 1.23 24.07
CA VAL A 245 -5.33 0.15 24.25
C VAL A 245 -6.64 0.78 24.69
N PHE A 246 -7.74 0.06 24.47
CA PHE A 246 -9.05 0.63 24.83
C PHE A 246 -9.94 -0.42 25.47
N ALA A 247 -10.89 0.05 26.28
CA ALA A 247 -11.88 -0.77 26.95
C ALA A 247 -13.27 -0.24 26.66
N GLU A 248 -14.24 -1.13 26.47
CA GLU A 248 -15.58 -0.74 26.02
C GLU A 248 -16.56 -0.74 27.18
N PHE A 249 -17.40 0.30 27.22
CA PHE A 249 -18.38 0.47 28.28
C PHE A 249 -19.72 0.86 27.68
N ASN A 250 -20.80 0.51 28.38
CA ASN A 250 -22.14 0.88 27.94
C ASN A 250 -22.53 2.30 28.34
N THR A 251 -21.87 2.89 29.34
CA THR A 251 -22.24 4.23 29.79
C THR A 251 -20.99 5.05 30.04
N GLU A 252 -21.15 6.38 29.94
CA GLU A 252 -20.08 7.30 30.31
C GLU A 252 -19.66 7.12 31.76
N SER A 253 -20.63 7.00 32.67
CA SER A 253 -20.32 6.87 34.09
C SER A 253 -19.44 5.67 34.36
N ALA A 254 -19.75 4.53 33.72
CA ALA A 254 -18.96 3.34 33.97
C ALA A 254 -17.54 3.50 33.45
N ALA A 255 -17.37 4.11 32.28
CA ALA A 255 -16.03 4.33 31.74
C ALA A 255 -15.23 5.26 32.65
N ARG A 256 -15.84 6.35 33.11
CA ARG A 256 -15.08 7.29 33.95
C ARG A 256 -14.78 6.67 35.31
N GLN A 257 -15.68 5.82 35.82
CA GLN A 257 -15.38 5.08 37.04
C GLN A 257 -14.14 4.21 36.87
N VAL A 258 -14.03 3.48 35.75
CA VAL A 258 -12.86 2.63 35.55
C VAL A 258 -11.63 3.47 35.27
N LEU A 259 -11.77 4.56 34.52
CA LEU A 259 -10.64 5.47 34.37
C LEU A 259 -10.08 5.87 35.73
N ASP A 260 -10.94 6.02 36.73
CA ASP A 260 -10.49 6.36 38.08
C ASP A 260 -9.64 5.26 38.70
N THR A 261 -9.72 4.03 38.20
CA THR A 261 -8.88 2.95 38.72
C THR A 261 -7.50 2.95 38.08
N ALA A 262 -7.24 3.85 37.14
CA ALA A 262 -6.00 3.82 36.39
C ALA A 262 -4.81 4.14 37.29
N PRO A 263 -3.74 3.35 37.25
CA PRO A 263 -2.50 3.81 37.87
C PRO A 263 -2.11 5.19 37.36
N ALA A 264 -1.43 5.94 38.22
CA ALA A 264 -1.09 7.32 37.89
C ALA A 264 -0.21 7.40 36.64
N TRP A 265 0.60 6.38 36.39
CA TRP A 265 1.47 6.39 35.21
C TRP A 265 0.75 5.99 33.93
N LEU A 266 -0.51 5.59 34.01
CA LEU A 266 -1.28 5.19 32.84
C LEU A 266 -2.23 6.32 32.51
N ASN A 267 -1.84 7.14 31.55
CA ASN A 267 -2.70 8.23 31.11
C ASN A 267 -3.84 7.67 30.28
N GLY A 268 -5.04 8.15 30.55
CA GLY A 268 -6.17 7.73 29.75
C GLY A 268 -7.19 8.83 29.61
N PHE A 269 -8.16 8.58 28.73
CA PHE A 269 -9.29 9.46 28.55
C PHE A 269 -10.52 8.63 28.25
N VAL A 270 -11.68 9.25 28.42
CA VAL A 270 -12.95 8.64 28.08
C VAL A 270 -13.55 9.42 26.92
N ALA A 271 -14.05 8.69 25.93
CA ALA A 271 -14.68 9.31 24.77
C ALA A 271 -15.72 8.35 24.22
N ARG A 272 -16.78 8.93 23.68
CA ARG A 272 -17.83 8.16 23.03
C ARG A 272 -17.45 7.83 21.59
N GLY A 273 -17.83 6.64 21.15
CA GLY A 273 -17.71 6.32 19.73
C GLY A 273 -18.78 7.05 18.93
N VAL A 274 -18.40 7.52 17.76
CA VAL A 274 -19.33 8.17 16.85
C VAL A 274 -19.12 7.59 15.46
N ASN A 275 -20.21 7.30 14.78
CA ASN A 275 -20.13 6.72 13.45
C ASN A 275 -20.07 7.77 12.35
N LEU A 276 -20.36 9.03 12.66
CA LEU A 276 -20.22 10.13 11.72
C LEU A 276 -19.12 11.05 12.22
N SER A 277 -18.13 11.32 11.36
CA SER A 277 -17.01 12.12 11.82
C SER A 277 -17.43 13.57 12.04
N PRO A 278 -17.01 14.18 13.14
CA PRO A 278 -17.24 15.62 13.33
C PRO A 278 -16.79 16.45 12.15
N LEU A 279 -15.80 15.98 11.39
CA LEU A 279 -15.31 16.75 10.26
C LEU A 279 -16.40 16.93 9.21
N LYS A 280 -17.20 15.89 8.97
CA LYS A 280 -18.30 15.99 8.04
C LYS A 280 -19.34 17.02 8.46
N GLN A 281 -19.27 17.51 9.70
CA GLN A 281 -20.22 18.50 10.19
C GLN A 281 -21.61 17.90 10.31
N MET B 3 -9.00 -22.52 -24.38
CA MET B 3 -7.59 -22.14 -24.30
C MET B 3 -7.00 -22.49 -22.94
N THR B 4 -5.98 -23.34 -22.93
CA THR B 4 -5.40 -23.73 -21.65
C THR B 4 -3.97 -23.26 -21.46
N ARG B 5 -3.34 -22.66 -22.45
CA ARG B 5 -1.97 -22.16 -22.34
C ARG B 5 -2.02 -20.63 -22.34
N TRP B 6 -1.46 -20.03 -21.29
CA TRP B 6 -1.58 -18.60 -21.07
C TRP B 6 -0.22 -17.98 -20.79
N PRO B 7 0.08 -16.83 -21.40
CA PRO B 7 1.38 -16.18 -21.19
C PRO B 7 1.41 -15.34 -19.92
N SER B 8 2.61 -15.22 -19.36
CA SER B 8 2.87 -14.40 -18.18
C SER B 8 4.17 -13.64 -18.44
N PRO B 9 4.09 -12.49 -19.10
CA PRO B 9 5.31 -11.77 -19.48
C PRO B 9 6.00 -11.09 -18.30
N ALA B 10 7.31 -10.88 -18.47
CA ALA B 10 8.07 -10.03 -17.57
C ALA B 10 7.73 -8.57 -17.81
N LYS B 11 8.13 -7.71 -16.87
CA LYS B 11 8.15 -6.27 -17.08
C LYS B 11 9.54 -5.72 -16.79
N LEU B 12 9.75 -4.50 -17.27
CA LEU B 12 10.86 -3.65 -16.87
C LEU B 12 10.28 -2.36 -16.29
N ASN B 13 10.89 -1.84 -15.23
CA ASN B 13 10.65 -0.45 -14.83
C ASN B 13 11.64 0.37 -15.62
N LEU B 14 11.17 1.07 -16.66
CA LEU B 14 12.07 1.90 -17.44
C LEU B 14 12.58 3.08 -16.64
N PHE B 15 11.75 3.61 -15.73
CA PHE B 15 12.25 4.47 -14.66
C PHE B 15 11.45 4.15 -13.40
N LEU B 16 11.95 4.63 -12.27
CA LEU B 16 11.32 4.38 -10.97
C LEU B 16 11.74 5.47 -10.01
N TYR B 17 10.78 6.23 -9.51
CA TYR B 17 11.02 7.30 -8.57
C TYR B 17 10.20 7.07 -7.31
N ILE B 18 10.82 7.33 -6.16
CA ILE B 18 10.18 7.15 -4.86
C ILE B 18 9.79 8.52 -4.33
N THR B 19 8.49 8.76 -4.23
CA THR B 19 7.99 10.10 -3.95
C THR B 19 7.66 10.33 -2.49
N GLY B 20 7.49 9.28 -1.71
CA GLY B 20 7.17 9.49 -0.30
C GLY B 20 7.09 8.15 0.42
N GLN B 21 7.02 8.25 1.73
CA GLN B 21 6.81 7.08 2.57
C GLN B 21 5.79 7.42 3.63
N ARG B 22 4.77 6.57 3.78
CA ARG B 22 3.75 6.75 4.81
C ARG B 22 4.26 6.29 6.17
N ALA B 23 3.50 6.66 7.20
CA ALA B 23 3.85 6.24 8.56
C ALA B 23 3.89 4.73 8.69
N ASP B 24 3.12 4.00 7.88
CA ASP B 24 3.14 2.54 8.05
C ASP B 24 4.30 1.89 7.31
N GLY B 25 5.15 2.69 6.65
CA GLY B 25 6.31 2.16 5.94
C GLY B 25 6.13 2.06 4.44
N TYR B 26 4.91 2.19 3.93
CA TYR B 26 4.67 2.01 2.50
C TYR B 26 5.19 3.17 1.67
N HIS B 27 5.81 2.86 0.53
CA HIS B 27 6.39 3.87 -0.36
C HIS B 27 5.48 4.13 -1.56
N THR B 28 5.24 5.41 -1.87
CA THR B 28 4.59 5.79 -3.10
C THR B 28 5.65 5.97 -4.20
N LEU B 29 5.30 5.55 -5.41
CA LEU B 29 6.22 5.55 -6.54
C LEU B 29 5.62 6.29 -7.72
N GLN B 30 6.49 6.78 -8.59
CA GLN B 30 6.14 7.11 -9.97
C GLN B 30 7.04 6.26 -10.85
N THR B 31 6.44 5.39 -11.67
CA THR B 31 7.23 4.40 -12.39
C THR B 31 6.58 4.11 -13.74
N LEU B 32 7.44 3.74 -14.71
CA LEU B 32 7.04 3.47 -16.08
C LEU B 32 7.28 2.01 -16.40
N PHE B 33 6.24 1.32 -16.84
CA PHE B 33 6.26 -0.12 -17.10
C PHE B 33 6.27 -0.37 -18.60
N GLN B 34 7.12 -1.29 -19.05
CA GLN B 34 7.00 -1.89 -20.36
C GLN B 34 7.13 -3.39 -20.22
N PHE B 35 6.39 -4.15 -21.04
CA PHE B 35 6.50 -5.59 -20.95
C PHE B 35 7.67 -6.07 -21.79
N LEU B 36 8.13 -7.29 -21.51
CA LEU B 36 9.08 -8.00 -22.37
C LEU B 36 8.35 -9.13 -23.09
N ASP B 37 8.77 -9.40 -24.32
CA ASP B 37 8.26 -10.56 -25.06
C ASP B 37 9.03 -11.80 -24.61
N TYR B 38 8.80 -12.16 -23.35
CA TYR B 38 9.58 -13.18 -22.67
C TYR B 38 8.94 -13.40 -21.30
N GLY B 39 8.74 -14.66 -20.92
CA GLY B 39 8.21 -14.89 -19.58
C GLY B 39 7.79 -16.34 -19.39
N ASP B 40 6.88 -16.52 -18.45
CA ASP B 40 6.39 -17.83 -18.07
C ASP B 40 5.19 -18.24 -18.94
N THR B 41 4.92 -19.54 -18.96
CA THR B 41 3.73 -20.07 -19.60
C THR B 41 2.98 -20.91 -18.58
N LEU B 42 1.71 -20.60 -18.36
CA LEU B 42 0.87 -21.32 -17.43
C LEU B 42 -0.05 -22.25 -18.19
N THR B 43 -0.31 -23.41 -17.60
CA THR B 43 -1.32 -24.32 -18.11
C THR B 43 -2.47 -24.30 -17.11
N ILE B 44 -3.66 -23.94 -17.57
CA ILE B 44 -4.80 -23.76 -16.68
C ILE B 44 -5.93 -24.62 -17.22
N GLU B 45 -6.19 -25.74 -16.53
CA GLU B 45 -7.18 -26.72 -16.97
C GLU B 45 -8.40 -26.67 -16.06
N PRO B 46 -9.54 -26.14 -16.54
CA PRO B 46 -10.71 -25.98 -15.67
C PRO B 46 -11.20 -27.30 -15.09
N ARG B 47 -11.82 -27.21 -13.91
CA ARG B 47 -12.40 -28.36 -13.21
C ARG B 47 -13.83 -28.00 -12.80
N THR B 48 -14.67 -29.04 -12.65
CA THR B 48 -16.06 -28.83 -12.29
C THR B 48 -16.39 -29.39 -10.90
N ASP B 49 -15.39 -29.81 -10.14
CA ASP B 49 -15.59 -30.36 -8.80
C ASP B 49 -15.18 -29.38 -7.71
N GLY B 50 -14.99 -28.11 -8.05
CA GLY B 50 -14.62 -27.10 -7.07
C GLY B 50 -13.24 -27.26 -6.48
N GLN B 51 -12.39 -28.08 -7.09
CA GLN B 51 -11.04 -28.33 -6.60
C GLN B 51 -10.05 -27.41 -7.30
N LEU B 52 -9.09 -26.89 -6.54
CA LEU B 52 -8.06 -26.01 -7.06
C LEU B 52 -6.71 -26.55 -6.64
N ARG B 53 -5.84 -26.81 -7.60
CA ARG B 53 -4.56 -27.46 -7.31
C ARG B 53 -3.47 -26.87 -8.19
N LEU B 54 -2.33 -26.57 -7.58
CA LEU B 54 -1.10 -26.29 -8.30
C LEU B 54 -0.36 -27.61 -8.50
N LEU B 55 -0.23 -28.05 -9.74
CA LEU B 55 0.42 -29.32 -10.04
C LEU B 55 1.93 -29.21 -10.06
N THR B 56 2.47 -28.01 -10.26
CA THR B 56 3.92 -27.81 -10.38
C THR B 56 4.36 -26.82 -9.31
N PRO B 57 5.09 -27.23 -8.28
CA PRO B 57 5.51 -26.26 -7.27
C PRO B 57 6.60 -25.35 -7.82
N VAL B 58 6.64 -24.13 -7.29
CA VAL B 58 7.71 -23.21 -7.61
C VAL B 58 8.76 -23.34 -6.53
N ALA B 59 9.98 -23.64 -6.96
CA ALA B 59 11.11 -23.88 -6.05
C ALA B 59 11.14 -22.86 -4.92
N GLY B 60 11.03 -23.37 -3.70
CA GLY B 60 11.16 -22.54 -2.52
C GLY B 60 9.88 -21.92 -2.02
N VAL B 61 8.79 -22.00 -2.77
CA VAL B 61 7.55 -21.29 -2.44
C VAL B 61 6.53 -22.32 -1.95
N PRO B 62 6.10 -22.25 -0.69
CA PRO B 62 5.00 -23.11 -0.25
C PRO B 62 3.77 -22.88 -1.12
N ASP B 63 3.12 -23.97 -1.53
CA ASP B 63 2.07 -23.86 -2.53
C ASP B 63 0.96 -22.89 -2.10
N GLU B 64 0.64 -22.86 -0.80
CA GLU B 64 -0.42 -21.96 -0.35
C GLU B 64 0.03 -20.50 -0.36
N GLU B 65 1.34 -20.25 -0.38
CA GLU B 65 1.89 -18.91 -0.51
C GLU B 65 2.15 -18.53 -1.96
N ASN B 66 2.06 -19.49 -2.88
CA ASN B 66 2.27 -19.21 -4.29
C ASN B 66 1.23 -18.20 -4.76
N LEU B 67 1.70 -17.19 -5.50
CA LEU B 67 0.79 -16.16 -5.98
C LEU B 67 -0.23 -16.74 -6.96
N ILE B 68 0.10 -17.85 -7.63
CA ILE B 68 -0.88 -18.51 -8.49
C ILE B 68 -2.09 -18.94 -7.66
N VAL B 69 -1.84 -19.59 -6.52
CA VAL B 69 -2.93 -20.09 -5.68
C VAL B 69 -3.66 -18.95 -4.98
N ARG B 70 -2.91 -17.97 -4.46
CA ARG B 70 -3.53 -16.81 -3.84
C ARG B 70 -4.44 -16.07 -4.82
N ALA B 71 -4.01 -15.93 -6.08
CA ALA B 71 -4.85 -15.26 -7.08
C ALA B 71 -6.13 -16.04 -7.33
N ALA B 72 -6.02 -17.36 -7.51
CA ALA B 72 -7.21 -18.17 -7.76
C ALA B 72 -8.17 -18.09 -6.58
N ARG B 73 -7.66 -18.15 -5.36
CA ARG B 73 -8.54 -18.17 -4.20
C ARG B 73 -9.17 -16.81 -3.96
N LEU B 74 -8.44 -15.72 -4.26
CA LEU B 74 -9.05 -14.40 -4.17
C LEU B 74 -10.16 -14.21 -5.19
N LEU B 75 -9.93 -14.65 -6.43
CA LEU B 75 -11.00 -14.54 -7.43
C LEU B 75 -12.21 -15.36 -7.01
N MET B 76 -11.99 -16.57 -6.49
CA MET B 76 -13.11 -17.41 -6.05
C MET B 76 -13.91 -16.70 -4.97
N HIS B 77 -13.23 -16.04 -4.03
CA HIS B 77 -13.91 -15.34 -2.95
C HIS B 77 -14.71 -14.15 -3.45
N ALA B 78 -14.08 -13.29 -4.25
CA ALA B 78 -14.75 -12.09 -4.72
C ALA B 78 -15.92 -12.44 -5.63
N ALA B 79 -15.75 -13.45 -6.49
CA ALA B 79 -16.84 -13.85 -7.37
C ALA B 79 -17.97 -14.48 -6.59
N SER B 80 -17.64 -15.38 -5.66
CA SER B 80 -18.68 -16.01 -4.85
C SER B 80 -19.48 -14.96 -4.08
N GLU B 81 -18.80 -13.98 -3.48
CA GLU B 81 -19.51 -13.00 -2.66
C GLU B 81 -20.44 -12.12 -3.49
N SER B 82 -20.22 -12.01 -4.81
CA SER B 82 -21.08 -11.24 -5.69
C SER B 82 -21.90 -12.15 -6.60
N ASP B 83 -22.02 -13.42 -6.26
CA ASP B 83 -22.88 -14.38 -6.97
C ASP B 83 -22.46 -14.53 -8.43
N ARG B 84 -21.15 -14.58 -8.66
CA ARG B 84 -20.62 -14.69 -10.02
C ARG B 84 -19.70 -15.88 -10.16
N LEU B 85 -19.78 -16.85 -9.24
CA LEU B 85 -18.94 -18.05 -9.35
C LEU B 85 -19.81 -19.27 -9.60
N PRO B 86 -19.75 -19.87 -10.79
CA PRO B 86 -20.54 -21.08 -11.04
C PRO B 86 -20.17 -22.21 -10.09
N ALA B 87 -21.20 -22.92 -9.63
CA ALA B 87 -20.99 -24.04 -8.71
C ALA B 87 -19.98 -25.02 -9.29
N GLY B 88 -19.01 -25.41 -8.46
CA GLY B 88 -18.01 -26.38 -8.86
C GLY B 88 -16.81 -25.79 -9.57
N SER B 89 -16.73 -24.48 -9.72
CA SER B 89 -15.58 -23.88 -10.40
C SER B 89 -14.29 -24.33 -9.73
N GLY B 90 -13.35 -24.83 -10.52
CA GLY B 90 -12.06 -25.25 -10.03
C GLY B 90 -11.06 -25.22 -11.16
N ALA B 91 -9.82 -25.56 -10.84
CA ALA B 91 -8.81 -25.58 -11.88
C ALA B 91 -7.61 -26.36 -11.41
N ASP B 92 -6.94 -27.00 -12.37
CA ASP B 92 -5.61 -27.57 -12.20
C ASP B 92 -4.66 -26.65 -12.95
N ILE B 93 -3.65 -26.12 -12.25
CA ILE B 93 -2.75 -25.13 -12.82
C ILE B 93 -1.31 -25.64 -12.73
N SER B 94 -0.56 -25.45 -13.82
CA SER B 94 0.86 -25.76 -13.89
C SER B 94 1.57 -24.53 -14.45
N ILE B 95 2.85 -24.40 -14.15
CA ILE B 95 3.62 -23.30 -14.71
C ILE B 95 4.96 -23.81 -15.20
N ASP B 96 5.37 -23.31 -16.37
CA ASP B 96 6.73 -23.45 -16.88
C ASP B 96 7.41 -22.12 -16.62
N LYS B 97 8.20 -22.07 -15.55
CA LYS B 97 8.73 -20.81 -15.05
C LYS B 97 10.09 -20.53 -15.69
N ARG B 98 10.16 -19.49 -16.50
CA ARG B 98 11.40 -19.09 -17.14
C ARG B 98 11.99 -17.82 -16.55
N LEU B 99 11.21 -17.05 -15.77
CA LEU B 99 11.64 -15.83 -15.11
C LEU B 99 12.18 -16.14 -13.71
N PRO B 100 13.17 -15.40 -13.25
CA PRO B 100 13.67 -15.58 -11.89
C PRO B 100 12.83 -14.82 -10.87
N MET B 101 12.96 -15.24 -9.62
CA MET B 101 12.29 -14.58 -8.51
C MET B 101 13.19 -13.55 -7.86
N GLY B 102 12.57 -12.56 -7.23
CA GLY B 102 13.33 -11.53 -6.54
C GLY B 102 14.32 -10.83 -7.44
N GLY B 103 13.93 -10.54 -8.67
CA GLY B 103 14.83 -9.93 -9.62
C GLY B 103 14.35 -8.60 -10.17
N GLY B 104 13.10 -8.25 -9.90
CA GLY B 104 12.55 -7.02 -10.42
C GLY B 104 11.93 -7.13 -11.79
N LEU B 105 11.65 -8.34 -12.26
CA LEU B 105 10.93 -8.54 -13.51
C LEU B 105 9.43 -8.74 -13.28
N GLY B 106 8.99 -8.76 -12.03
CA GLY B 106 7.57 -8.86 -11.73
C GLY B 106 6.95 -10.21 -12.04
N GLY B 107 7.74 -11.28 -12.05
CA GLY B 107 7.22 -12.58 -12.45
C GLY B 107 6.07 -13.06 -11.58
N GLY B 108 6.16 -12.83 -10.26
CA GLY B 108 5.09 -13.26 -9.39
C GLY B 108 3.81 -12.48 -9.64
N SER B 109 3.93 -11.17 -9.77
CA SER B 109 2.76 -10.35 -10.09
C SER B 109 2.20 -10.72 -11.45
N SER B 110 3.06 -11.02 -12.42
CA SER B 110 2.57 -11.43 -13.74
C SER B 110 1.82 -12.75 -13.65
N ASN B 111 2.34 -13.73 -12.90
CA ASN B 111 1.62 -14.98 -12.71
C ASN B 111 0.23 -14.72 -12.12
N ALA B 112 0.16 -13.89 -11.08
CA ALA B 112 -1.14 -13.59 -10.49
C ALA B 112 -2.09 -12.95 -11.49
N ALA B 113 -1.58 -12.00 -12.28
CA ALA B 113 -2.44 -11.33 -13.27
C ALA B 113 -2.99 -12.33 -14.28
N THR B 114 -2.12 -13.19 -14.80
CA THR B 114 -2.54 -14.18 -15.79
C THR B 114 -3.60 -15.12 -15.22
N VAL B 115 -3.42 -15.56 -13.98
CA VAL B 115 -4.40 -16.45 -13.35
C VAL B 115 -5.74 -15.75 -13.18
N LEU B 116 -5.72 -14.49 -12.73
CA LEU B 116 -6.97 -13.74 -12.55
C LEU B 116 -7.72 -13.61 -13.88
N VAL B 117 -7.01 -13.16 -14.92
CA VAL B 117 -7.65 -12.95 -16.21
C VAL B 117 -8.11 -14.28 -16.80
N ALA B 118 -7.25 -15.31 -16.72
CA ALA B 118 -7.56 -16.60 -17.34
C ALA B 118 -8.75 -17.27 -16.67
N LEU B 119 -8.77 -17.31 -15.34
CA LEU B 119 -9.85 -17.99 -14.64
C LEU B 119 -11.14 -17.21 -14.74
N ASN B 120 -11.06 -15.88 -14.69
CA ASN B 120 -12.25 -15.07 -14.91
C ASN B 120 -12.88 -15.42 -16.26
N HIS B 121 -12.04 -15.62 -17.27
CA HIS B 121 -12.55 -15.96 -18.59
C HIS B 121 -13.04 -17.40 -18.63
N LEU B 122 -12.22 -18.35 -18.16
CA LEU B 122 -12.57 -19.75 -18.31
C LEU B 122 -13.83 -20.10 -17.51
N TRP B 123 -13.95 -19.58 -16.29
CA TRP B 123 -15.12 -19.87 -15.47
C TRP B 123 -16.33 -19.04 -15.90
N GLY B 124 -16.10 -17.92 -16.59
CA GLY B 124 -17.17 -17.05 -16.99
C GLY B 124 -17.74 -16.18 -15.90
N CYS B 125 -16.91 -15.80 -14.90
CA CYS B 125 -17.40 -14.97 -13.79
C CYS B 125 -17.84 -13.59 -14.25
N GLY B 126 -17.23 -13.06 -15.31
CA GLY B 126 -17.66 -11.78 -15.83
C GLY B 126 -17.18 -10.56 -15.08
N LEU B 127 -16.16 -10.70 -14.23
CA LEU B 127 -15.61 -9.54 -13.57
C LEU B 127 -14.97 -8.63 -14.61
N SER B 128 -15.10 -7.31 -14.41
CA SER B 128 -14.53 -6.34 -15.31
C SER B 128 -13.03 -6.21 -15.09
N GLU B 129 -12.35 -5.59 -16.06
CA GLU B 129 -10.92 -5.34 -15.91
C GLU B 129 -10.64 -4.46 -14.69
N ASP B 130 -11.47 -3.44 -14.47
CA ASP B 130 -11.34 -2.62 -13.26
C ASP B 130 -11.42 -3.48 -12.00
N GLU B 131 -12.35 -4.43 -11.95
CA GLU B 131 -12.48 -5.27 -10.76
C GLU B 131 -11.27 -6.17 -10.57
N LEU B 132 -10.79 -6.77 -11.66
CA LEU B 132 -9.62 -7.64 -11.56
C LEU B 132 -8.39 -6.85 -11.16
N ALA B 133 -8.27 -5.61 -11.64
CA ALA B 133 -7.12 -4.81 -11.26
C ALA B 133 -7.20 -4.41 -9.80
N THR B 134 -8.41 -4.17 -9.30
CA THR B 134 -8.57 -3.89 -7.87
C THR B 134 -8.23 -5.11 -7.02
N LEU B 135 -8.71 -6.28 -7.40
CA LEU B 135 -8.29 -7.50 -6.72
C LEU B 135 -6.78 -7.66 -6.80
N GLY B 136 -6.19 -7.39 -7.97
CA GLY B 136 -4.78 -7.64 -8.14
C GLY B 136 -3.90 -6.84 -7.20
N LEU B 137 -4.34 -5.64 -6.84
CA LEU B 137 -3.55 -4.82 -5.92
C LEU B 137 -3.35 -5.51 -4.59
N GLN B 138 -4.29 -6.37 -4.16
CA GLN B 138 -4.09 -7.09 -2.92
C GLN B 138 -3.03 -8.17 -3.04
N LEU B 139 -2.70 -8.62 -4.25
CA LEU B 139 -1.77 -9.73 -4.44
C LEU B 139 -0.34 -9.26 -4.63
N GLY B 140 -0.14 -8.24 -5.45
CA GLY B 140 1.19 -7.77 -5.74
C GLY B 140 1.11 -6.36 -6.29
N ALA B 141 2.18 -5.60 -6.04
CA ALA B 141 2.15 -4.17 -6.36
C ALA B 141 1.95 -3.92 -7.85
N ASP B 142 2.47 -4.79 -8.71
CA ASP B 142 2.41 -4.61 -10.15
C ASP B 142 1.29 -5.38 -10.83
N VAL B 143 0.45 -6.11 -10.09
CA VAL B 143 -0.59 -6.92 -10.74
C VAL B 143 -1.48 -6.06 -11.64
N PRO B 144 -1.90 -4.86 -11.25
CA PRO B 144 -2.81 -4.10 -12.13
C PRO B 144 -2.23 -3.78 -13.49
N VAL B 145 -0.94 -3.47 -13.60
CA VAL B 145 -0.38 -3.21 -14.92
C VAL B 145 -0.47 -4.45 -15.81
N PHE B 146 -0.20 -5.63 -15.24
CA PHE B 146 -0.29 -6.85 -16.05
C PHE B 146 -1.73 -7.18 -16.39
N VAL B 147 -2.67 -6.84 -15.50
CA VAL B 147 -4.07 -7.12 -15.77
C VAL B 147 -4.59 -6.25 -16.90
N ARG B 148 -4.28 -4.95 -16.87
CA ARG B 148 -4.78 -4.06 -17.91
C ARG B 148 -4.04 -4.24 -19.22
N GLY B 149 -2.78 -4.69 -19.18
CA GLY B 149 -2.11 -5.16 -20.37
C GLY B 149 -1.46 -4.13 -21.26
N HIS B 150 -1.27 -2.89 -20.79
CA HIS B 150 -0.63 -1.85 -21.60
C HIS B 150 0.58 -1.29 -20.88
N ALA B 151 1.63 -0.97 -21.62
CA ALA B 151 2.69 -0.15 -21.03
C ALA B 151 2.05 1.08 -20.40
N ALA B 152 2.52 1.45 -19.21
CA ALA B 152 1.77 2.43 -18.45
C ALA B 152 2.66 3.17 -17.46
N PHE B 153 2.26 4.39 -17.16
CA PHE B 153 2.82 5.19 -16.07
C PHE B 153 1.96 4.95 -14.83
N ALA B 154 2.58 4.48 -13.75
CA ALA B 154 1.86 4.08 -12.55
C ALA B 154 2.15 5.04 -11.39
N GLU B 155 1.08 5.50 -10.75
CA GLU B 155 1.11 6.52 -9.71
C GLU B 155 0.21 6.12 -8.55
N GLY B 156 0.00 7.02 -7.61
CA GLY B 156 -0.86 6.72 -6.47
C GLY B 156 -0.19 5.69 -5.58
N VAL B 157 -0.94 4.65 -5.22
CA VAL B 157 -0.36 3.52 -4.50
C VAL B 157 -0.26 2.36 -5.48
N GLY B 158 -0.20 2.67 -6.78
CA GLY B 158 -0.07 1.69 -7.83
C GLY B 158 -1.34 1.42 -8.60
N GLU B 159 -2.43 2.13 -8.29
CA GLU B 159 -3.72 1.92 -8.92
C GLU B 159 -4.02 2.96 -10.00
N ILE B 160 -3.27 4.05 -10.03
CA ILE B 160 -3.47 5.10 -11.02
C ILE B 160 -2.55 4.81 -12.18
N LEU B 161 -3.11 4.34 -13.28
CA LEU B 161 -2.34 3.87 -14.44
C LEU B 161 -2.71 4.71 -15.66
N THR B 162 -1.68 5.23 -16.34
CA THR B 162 -1.86 6.00 -17.57
C THR B 162 -1.11 5.30 -18.69
N PRO B 163 -1.78 4.89 -19.77
CA PRO B 163 -1.05 4.24 -20.87
C PRO B 163 -0.01 5.17 -21.47
N VAL B 164 1.14 4.58 -21.82
CA VAL B 164 2.23 5.29 -22.49
C VAL B 164 2.82 4.34 -23.52
N GLU B 165 3.45 4.91 -24.55
CA GLU B 165 3.98 4.14 -25.68
C GLU B 165 5.49 4.37 -25.80
N PRO B 166 6.28 3.88 -24.86
CA PRO B 166 7.73 4.01 -24.98
C PRO B 166 8.25 3.20 -26.16
N GLU B 167 9.39 3.63 -26.70
CA GLU B 167 9.93 2.95 -27.86
C GLU B 167 10.16 1.48 -27.52
N GLU B 168 9.77 0.60 -28.44
CA GLU B 168 9.89 -0.85 -28.24
C GLU B 168 11.29 -1.30 -28.63
N LYS B 169 12.22 -1.18 -27.68
CA LYS B 169 13.62 -1.48 -27.88
C LYS B 169 13.93 -2.95 -27.57
N TRP B 170 15.14 -3.36 -27.91
CA TRP B 170 15.65 -4.67 -27.53
C TRP B 170 16.47 -4.55 -26.25
N TYR B 171 16.28 -5.52 -25.35
CA TYR B 171 16.91 -5.45 -24.05
C TYR B 171 17.72 -6.71 -23.78
N LEU B 172 18.87 -6.51 -23.16
CA LEU B 172 19.65 -7.58 -22.56
C LEU B 172 19.37 -7.53 -21.06
N VAL B 173 18.68 -8.53 -20.55
CA VAL B 173 18.31 -8.58 -19.14
C VAL B 173 19.25 -9.54 -18.44
N ALA B 174 19.89 -9.06 -17.39
CA ALA B 174 20.88 -9.84 -16.66
C ALA B 174 20.42 -10.03 -15.21
N HIS B 175 20.53 -11.27 -14.74
CA HIS B 175 20.25 -11.61 -13.35
C HIS B 175 21.56 -11.98 -12.67
N PRO B 176 22.15 -11.08 -11.86
CA PRO B 176 23.47 -11.38 -11.29
C PRO B 176 23.44 -12.47 -10.24
N GLY B 177 22.39 -13.30 -10.26
CA GLY B 177 22.34 -14.47 -9.41
C GLY B 177 21.83 -14.21 -8.00
N VAL B 178 22.15 -13.04 -7.46
CA VAL B 178 21.77 -12.72 -6.09
C VAL B 178 20.32 -12.25 -6.05
N SER B 179 19.58 -12.75 -5.07
CA SER B 179 18.16 -12.42 -4.91
C SER B 179 18.03 -11.30 -3.88
N ILE B 180 17.48 -10.16 -4.31
CA ILE B 180 17.29 -9.00 -3.46
C ILE B 180 15.80 -8.79 -3.22
N PRO B 181 15.22 -9.38 -2.18
CA PRO B 181 13.80 -9.14 -1.90
C PRO B 181 13.55 -7.66 -1.66
N THR B 182 12.46 -7.16 -2.24
CA THR B 182 12.18 -5.73 -2.19
C THR B 182 12.25 -5.15 -0.77
N PRO B 183 11.74 -5.80 0.26
CA PRO B 183 11.82 -5.19 1.61
C PRO B 183 13.24 -4.91 2.07
N ILE B 184 14.23 -5.64 1.58
CA ILE B 184 15.63 -5.37 1.95
C ILE B 184 16.05 -3.98 1.47
N ILE B 185 15.63 -3.60 0.26
CA ILE B 185 15.95 -2.27 -0.25
C ILE B 185 15.08 -1.22 0.42
N PHE B 186 13.78 -1.51 0.58
CA PHE B 186 12.87 -0.50 1.09
C PHE B 186 13.12 -0.15 2.56
N ARG B 187 13.86 -0.98 3.30
CA ARG B 187 14.19 -0.62 4.67
C ARG B 187 15.49 0.16 4.80
N ASP B 188 16.18 0.42 3.71
CA ASP B 188 17.49 1.05 3.79
C ASP B 188 17.36 2.52 4.17
N PRO B 189 18.03 2.98 5.23
CA PRO B 189 17.87 4.39 5.63
C PRO B 189 18.31 5.38 4.56
N GLU B 190 19.23 5.01 3.67
CA GLU B 190 19.77 5.89 2.63
C GLU B 190 18.93 5.94 1.36
N LEU B 191 17.89 5.12 1.26
CA LEU B 191 17.05 5.12 0.08
C LEU B 191 16.43 6.49 -0.13
N PRO B 192 16.41 7.00 -1.36
CA PRO B 192 15.70 8.28 -1.60
C PRO B 192 14.21 8.08 -1.45
N ARG B 193 13.57 8.96 -0.68
CA ARG B 193 12.14 8.84 -0.41
C ARG B 193 11.38 10.15 -0.63
N ASN B 194 11.98 11.12 -1.31
CA ASN B 194 11.30 12.40 -1.48
C ASN B 194 11.58 12.99 -2.85
N THR B 195 11.76 12.13 -3.83
CA THR B 195 11.82 12.59 -5.21
C THR B 195 10.54 13.36 -5.52
N PRO B 196 10.63 14.54 -6.12
CA PRO B 196 9.41 15.30 -6.41
C PRO B 196 8.49 14.55 -7.37
N ARG B 197 7.19 14.62 -7.09
CA ARG B 197 6.20 14.16 -8.07
C ARG B 197 6.25 15.08 -9.28
N ARG B 198 6.24 14.48 -10.47
CA ARG B 198 6.34 15.23 -11.71
C ARG B 198 5.33 14.69 -12.70
N SER B 199 5.01 15.53 -13.69
CA SER B 199 4.06 15.15 -14.72
C SER B 199 4.66 14.07 -15.61
N ILE B 200 3.80 13.28 -16.25
CA ILE B 200 4.31 12.28 -17.20
C ILE B 200 5.10 12.97 -18.30
N ASN B 201 4.59 14.10 -18.80
CA ASN B 201 5.30 14.80 -19.88
C ASN B 201 6.67 15.24 -19.42
N THR B 202 6.76 15.76 -18.19
CA THR B 202 8.07 16.06 -17.61
C THR B 202 8.95 14.82 -17.55
N LEU B 203 8.40 13.72 -17.02
CA LEU B 203 9.22 12.52 -16.81
C LEU B 203 9.66 11.91 -18.14
N LEU B 204 8.80 11.98 -19.16
CA LEU B 204 9.14 11.44 -20.46
C LEU B 204 10.26 12.21 -21.14
N ASN B 205 10.63 13.40 -20.64
CA ASN B 205 11.65 14.22 -21.26
C ASN B 205 12.86 14.47 -20.37
N CYS B 206 12.94 13.84 -19.21
CA CYS B 206 14.16 13.80 -18.40
C CYS B 206 14.87 12.47 -18.61
N GLU B 207 16.13 12.43 -18.20
CA GLU B 207 16.86 11.18 -18.21
C GLU B 207 16.16 10.17 -17.30
N PHE B 208 15.92 8.96 -17.82
CA PHE B 208 15.31 7.92 -17.01
C PHE B 208 16.30 7.41 -15.96
N SER B 209 15.83 7.22 -14.72
CA SER B 209 16.67 6.59 -13.71
C SER B 209 15.80 5.77 -12.76
N ASN B 210 16.48 4.97 -11.93
CA ASN B 210 15.84 4.14 -10.91
C ASN B 210 16.38 4.52 -9.53
N ASP B 211 15.52 5.10 -8.68
CA ASP B 211 15.95 5.55 -7.35
C ASP B 211 16.52 4.42 -6.48
N CYS B 212 16.26 3.16 -6.82
CA CYS B 212 16.80 2.04 -6.05
C CYS B 212 18.21 1.67 -6.47
N GLU B 213 18.68 2.18 -7.62
CA GLU B 213 19.90 1.67 -8.21
C GLU B 213 21.13 1.91 -7.34
N LEU B 214 21.33 3.16 -6.88
CA LEU B 214 22.54 3.49 -6.14
C LEU B 214 22.65 2.64 -4.87
N ILE B 215 21.54 2.49 -4.14
CA ILE B 215 21.53 1.64 -2.95
C ILE B 215 21.86 0.20 -3.33
N ALA B 216 21.22 -0.31 -4.39
CA ALA B 216 21.45 -1.69 -4.79
C ALA B 216 22.92 -1.90 -5.17
N ARG B 217 23.51 -0.96 -5.89
CA ARG B 217 24.92 -1.10 -6.28
C ARG B 217 25.83 -1.08 -5.06
N LYS B 218 25.59 -0.17 -4.11
CA LYS B 218 26.49 -0.05 -2.97
C LYS B 218 26.39 -1.26 -2.04
N ARG B 219 25.19 -1.82 -1.89
CA ARG B 219 24.95 -2.91 -0.94
C ARG B 219 25.23 -4.29 -1.53
N PHE B 220 25.28 -4.44 -2.85
CA PHE B 220 25.40 -5.75 -3.49
C PHE B 220 26.43 -5.70 -4.61
N ARG B 221 27.56 -6.38 -4.41
CA ARG B 221 28.63 -6.34 -5.39
C ARG B 221 28.22 -6.95 -6.72
N GLU B 222 27.37 -8.00 -6.70
CA GLU B 222 26.94 -8.62 -7.94
C GLU B 222 26.16 -7.64 -8.80
N VAL B 223 25.36 -6.77 -8.19
CA VAL B 223 24.67 -5.74 -8.95
C VAL B 223 25.65 -4.70 -9.45
N ASP B 224 26.61 -4.30 -8.61
CA ASP B 224 27.57 -3.31 -9.03
C ASP B 224 28.39 -3.82 -10.22
N ALA B 225 28.83 -5.08 -10.17
CA ALA B 225 29.64 -5.64 -11.24
C ALA B 225 28.82 -5.88 -12.49
N ALA B 226 27.56 -6.28 -12.33
CA ALA B 226 26.69 -6.50 -13.49
C ALA B 226 26.45 -5.20 -14.24
N LEU B 227 26.28 -4.09 -13.51
CA LEU B 227 26.02 -2.82 -14.17
C LEU B 227 27.27 -2.25 -14.82
N SER B 228 28.42 -2.38 -14.14
CA SER B 228 29.65 -1.84 -14.70
C SER B 228 29.99 -2.46 -16.04
N TRP B 229 29.61 -3.72 -16.26
CA TRP B 229 29.89 -4.38 -17.53
C TRP B 229 28.97 -3.86 -18.62
N LEU B 230 27.66 -3.84 -18.36
CA LEU B 230 26.72 -3.42 -19.39
C LEU B 230 26.91 -1.95 -19.77
N LEU B 231 27.27 -1.09 -18.81
CA LEU B 231 27.41 0.33 -19.09
C LEU B 231 28.48 0.62 -20.14
N GLU B 232 29.45 -0.28 -20.31
CA GLU B 232 30.43 -0.14 -21.37
C GLU B 232 29.76 -0.03 -22.74
N TYR B 233 28.63 -0.70 -22.93
CA TYR B 233 28.04 -0.94 -24.23
C TYR B 233 26.75 -0.21 -24.51
N ALA B 234 25.92 0.08 -23.50
CA ALA B 234 24.62 0.67 -23.75
C ALA B 234 24.11 1.29 -22.47
N PRO B 235 23.15 2.21 -22.56
CA PRO B 235 22.45 2.64 -21.35
C PRO B 235 21.92 1.43 -20.59
N SER B 236 22.21 1.37 -19.28
CA SER B 236 21.85 0.23 -18.46
C SER B 236 21.38 0.70 -17.09
N ARG B 237 20.36 0.02 -16.56
CA ARG B 237 19.78 0.42 -15.27
C ARG B 237 19.25 -0.80 -14.54
N LEU B 238 19.07 -0.61 -13.23
CA LEU B 238 18.32 -1.56 -12.42
C LEU B 238 16.84 -1.56 -12.84
N THR B 239 16.22 -2.73 -12.79
CA THR B 239 14.76 -2.81 -12.85
C THR B 239 14.22 -3.22 -11.48
N GLY B 240 13.04 -2.70 -11.16
CA GLY B 240 12.47 -2.95 -9.86
C GLY B 240 13.42 -2.53 -8.77
N THR B 241 13.48 -3.33 -7.70
CA THR B 241 14.50 -3.18 -6.67
C THR B 241 15.68 -4.10 -6.90
N GLY B 242 15.85 -4.59 -8.14
CA GLY B 242 16.89 -5.55 -8.43
C GLY B 242 16.48 -6.96 -8.03
N ALA B 243 17.41 -7.89 -8.22
CA ALA B 243 18.80 -7.63 -8.65
C ALA B 243 18.98 -7.51 -10.16
N CYS B 244 17.94 -7.77 -10.94
CA CYS B 244 18.10 -7.75 -12.39
C CYS B 244 18.48 -6.36 -12.87
N VAL B 245 19.35 -6.31 -13.88
CA VAL B 245 19.68 -5.08 -14.60
C VAL B 245 19.39 -5.33 -16.08
N PHE B 246 19.16 -4.25 -16.83
CA PHE B 246 18.91 -4.36 -18.25
C PHE B 246 19.75 -3.35 -19.01
N ALA B 247 20.08 -3.70 -20.24
CA ALA B 247 20.80 -2.83 -21.17
C ALA B 247 19.96 -2.64 -22.43
N GLU B 248 20.00 -1.43 -22.97
CA GLU B 248 19.07 -0.96 -24.00
C GLU B 248 19.78 -0.97 -25.36
N PHE B 249 19.25 -1.75 -26.32
CA PHE B 249 19.79 -1.79 -27.67
C PHE B 249 18.70 -1.54 -28.69
N ASN B 250 19.09 -1.14 -29.89
CA ASN B 250 18.14 -0.86 -30.96
C ASN B 250 17.92 -2.04 -31.90
N THR B 251 18.73 -3.10 -31.80
CA THR B 251 18.56 -4.29 -32.61
C THR B 251 18.80 -5.54 -31.78
N GLU B 252 18.21 -6.65 -32.21
CA GLU B 252 18.43 -7.93 -31.54
C GLU B 252 19.88 -8.38 -31.67
N SER B 253 20.47 -8.22 -32.85
CA SER B 253 21.84 -8.70 -33.07
C SER B 253 22.82 -7.99 -32.14
N ALA B 254 22.66 -6.68 -31.96
CA ALA B 254 23.57 -5.97 -31.07
C ALA B 254 23.42 -6.48 -29.64
N ALA B 255 22.19 -6.64 -29.17
CA ALA B 255 21.99 -7.18 -27.83
C ALA B 255 22.63 -8.56 -27.69
N ARG B 256 22.40 -9.43 -28.67
CA ARG B 256 22.91 -10.79 -28.58
C ARG B 256 24.43 -10.82 -28.63
N GLN B 257 25.05 -9.93 -29.42
CA GLN B 257 26.50 -9.90 -29.47
C GLN B 257 27.10 -9.50 -28.13
N VAL B 258 26.42 -8.60 -27.39
CA VAL B 258 26.89 -8.30 -26.05
C VAL B 258 26.63 -9.48 -25.12
N LEU B 259 25.48 -10.15 -25.28
CA LEU B 259 25.17 -11.28 -24.42
C LEU B 259 26.25 -12.35 -24.53
N ASP B 260 26.80 -12.57 -25.72
CA ASP B 260 27.81 -13.61 -25.88
C ASP B 260 29.14 -13.27 -25.21
N THR B 261 29.30 -12.05 -24.71
CA THR B 261 30.49 -11.66 -23.96
C THR B 261 30.27 -11.68 -22.45
N ALA B 262 29.16 -12.23 -21.99
CA ALA B 262 28.75 -12.15 -20.59
C ALA B 262 29.35 -13.29 -19.78
N PRO B 263 29.84 -13.00 -18.57
CA PRO B 263 30.23 -14.07 -17.66
C PRO B 263 29.07 -15.03 -17.42
N ALA B 264 29.41 -16.30 -17.22
CA ALA B 264 28.38 -17.31 -17.04
C ALA B 264 27.51 -17.00 -15.82
N TRP B 265 28.04 -16.28 -14.83
CA TRP B 265 27.26 -16.04 -13.63
C TRP B 265 26.14 -15.00 -13.84
N LEU B 266 26.08 -14.36 -15.02
CA LEU B 266 25.07 -13.34 -15.27
C LEU B 266 23.72 -13.95 -15.65
N ASN B 267 23.72 -15.11 -16.29
CA ASN B 267 22.50 -15.77 -16.75
C ASN B 267 21.56 -14.77 -17.42
N GLY B 268 22.02 -14.20 -18.54
CA GLY B 268 21.26 -13.19 -19.23
C GLY B 268 20.38 -13.75 -20.33
N PHE B 269 19.39 -12.95 -20.72
CA PHE B 269 18.57 -13.23 -21.89
C PHE B 269 18.32 -11.93 -22.64
N VAL B 270 17.95 -12.07 -23.91
CA VAL B 270 17.61 -10.94 -24.77
C VAL B 270 16.15 -11.04 -25.12
N ALA B 271 15.44 -9.91 -25.04
CA ALA B 271 14.02 -9.89 -25.35
C ALA B 271 13.62 -8.49 -25.78
N ARG B 272 12.61 -8.40 -26.64
CA ARG B 272 12.12 -7.13 -27.13
C ARG B 272 11.05 -6.57 -26.20
N GLY B 273 11.04 -5.25 -26.05
CA GLY B 273 9.98 -4.60 -25.32
C GLY B 273 8.71 -4.56 -26.16
N VAL B 274 7.57 -4.71 -25.49
CA VAL B 274 6.28 -4.65 -26.17
C VAL B 274 5.35 -3.86 -25.29
N ASN B 275 4.59 -2.93 -25.89
CA ASN B 275 3.69 -2.11 -25.10
C ASN B 275 2.33 -2.73 -24.91
N LEU B 276 2.04 -3.84 -25.59
CA LEU B 276 0.80 -4.59 -25.44
C LEU B 276 1.15 -5.98 -24.88
N SER B 277 0.58 -6.30 -23.73
CA SER B 277 0.89 -7.58 -23.12
C SER B 277 0.42 -8.73 -23.99
N PRO B 278 1.23 -9.77 -24.15
CA PRO B 278 0.73 -10.99 -24.80
C PRO B 278 -0.54 -11.53 -24.15
N LEU B 279 -0.72 -11.28 -22.84
CA LEU B 279 -1.93 -11.73 -22.17
C LEU B 279 -3.17 -11.10 -22.81
N LYS B 280 -3.11 -9.82 -23.13
CA LYS B 280 -4.21 -9.13 -23.82
C LYS B 280 -4.19 -9.43 -25.31
PG ANP C . 2.02 4.93 13.36
O1G ANP C . 3.23 5.78 13.01
O2G ANP C . 1.20 4.68 12.11
O3G ANP C . 2.52 3.60 13.90
PB ANP C . -0.48 6.36 14.26
O1B ANP C . -1.63 5.45 14.63
O2B ANP C . -0.66 7.60 15.12
N3B ANP C . 1.07 5.68 14.59
PA ANP C . -0.94 8.23 12.06
O1A ANP C . -1.38 9.09 13.22
O2A ANP C . -2.09 8.09 11.09
O3A ANP C . -0.53 6.74 12.64
O5' ANP C . 0.40 8.93 11.31
C5' ANP C . 1.17 9.90 12.02
C4' ANP C . 2.65 9.43 12.05
O4' ANP C . 3.34 10.10 11.19
C3' ANP C . 3.29 9.72 13.48
O3' ANP C . 3.93 8.65 13.94
C2' ANP C . 4.28 10.89 13.28
O2' ANP C . 5.66 10.40 13.47
C1' ANP C . 4.13 11.31 12.01
N9 ANP C . 3.42 12.53 11.94
C8 ANP C . 3.67 13.49 11.06
N7 ANP C . 2.83 14.50 11.25
C5 ANP C . 2.02 14.18 12.27
C6 ANP C . 0.96 14.83 12.93
N6 ANP C . 0.53 16.16 12.49
N1 ANP C . 0.34 14.24 13.93
C2 ANP C . 0.72 13.04 14.34
N3 ANP C . 1.71 12.39 13.74
C4 ANP C . 2.38 12.93 12.72
HNB1 ANP C . 1.43 5.73 15.52
H5'1 ANP C . 0.81 9.99 13.03
H5'2 ANP C . 1.11 10.86 11.51
H4' ANP C . 2.72 8.37 11.83
H3' ANP C . 2.52 10.02 14.19
HO3' ANP C . 3.85 8.61 14.88
H2' ANP C . 4.03 11.70 13.95
HO2' ANP C . 5.72 9.52 13.11
H1' ANP C . 5.12 11.45 11.58
H8 ANP C . 4.45 13.45 10.30
HN61 ANP C . 0.20 16.83 13.16
HN62 ANP C . 0.58 16.40 11.52
H2 ANP C . 0.19 12.57 15.17
PG ANP D . 10.37 -9.03 -5.51
O1G ANP D . 11.55 -8.85 -4.59
O2G ANP D . 9.27 -8.05 -5.14
O3G ANP D . 9.82 -10.43 -5.36
PB ANP D . 9.78 -8.92 -8.41
O1B ANP D . 10.28 -10.04 -9.30
O2B ANP D . 9.66 -7.66 -9.23
N3B ANP D . 10.89 -8.73 -7.12
PA ANP D . 7.45 -10.67 -7.97
O1A ANP D . 6.37 -10.28 -8.95
O2A ANP D . 8.36 -11.72 -8.56
O3A ANP D . 8.33 -9.29 -7.69
O5' ANP D . 6.78 -11.25 -6.55
C5' ANP D . 6.72 -12.66 -6.31
C4' ANP D . 7.34 -13.00 -4.94
O4' ANP D . 6.52 -13.72 -4.24
C3' ANP D . 8.65 -13.90 -5.18
O3' ANP D . 9.68 -13.41 -4.51
C2' ANP D . 8.31 -15.31 -4.68
O2' ANP D . 9.13 -15.61 -3.47
C1' ANP D . 7.03 -15.30 -4.31
N9 ANP D . 6.19 -15.98 -5.23
C8 ANP D . 5.06 -16.58 -4.91
N7 ANP D . 4.52 -17.11 -6.00
C5 ANP D . 5.34 -16.84 -7.03
C6 ANP D . 5.31 -17.11 -8.41
N6 ANP D . 4.21 -17.87 -8.95
N1 ANP D . 6.29 -16.70 -9.20
C2 ANP D . 7.31 -16.01 -8.71
N3 ANP D . 7.35 -15.72 -7.42
C4 ANP D . 6.40 -16.11 -6.56
HNB1 ANP D . 11.84 -8.44 -7.30
H5'1 ANP D . 7.27 -13.18 -7.09
H5'2 ANP D . 5.67 -12.98 -6.33
H4' ANP D . 7.58 -12.11 -4.37
H3' ANP D . 8.87 -13.92 -6.25
HO3' ANP D . 9.67 -13.76 -3.63
H2' ANP D . 8.47 -16.02 -5.48
HO2' ANP D . 9.24 -16.55 -3.38
H1' ANP D . 6.99 -15.78 -3.33
H8 ANP D . 4.63 -16.63 -3.91
HN61 ANP D . 4.35 -18.48 -9.73
HN62 ANP D . 3.29 -17.78 -8.54
H2 ANP D . 8.10 -15.67 -9.37
#